data_6D12
#
_entry.id   6D12
#
_cell.length_a   47.910
_cell.length_b   34.030
_cell.length_c   95.010
_cell.angle_alpha   90.000
_cell.angle_beta   95.180
_cell.angle_gamma   90.000
#
_symmetry.space_group_name_H-M   'P 1 21 1'
#
loop_
_entity.id
_entity.type
_entity.pdbx_description
1 polymer 'La-related protein 7'
2 polymer 'human 7SK RNA stem-loop 4'
3 water water
#
loop_
_entity_poly.entity_id
_entity_poly.type
_entity_poly.pdbx_seq_one_letter_code
_entity_poly.pdbx_strand_id
1 'polypeptide(L)'
;SNATGPQFVSGVIVKIISTEPLPGRKQVRDT(MSE)AAISEVLYVDLLEGDTECHARFKTPLDALAVINAYTEINKKHCW
K(MSE)EILSGDHEQRYWQKILVDRQAKLNQPREKKRGTEK
;
A,B
2 'polyribonucleotide' GGGCUGCAUGUGGCAGCUCGGGCUGCAUGUGGCAGCUC C
#
# COMPACT_ATOMS: atom_id res chain seq x y z
N ALA A 3 2.82 -19.31 -24.29
CA ALA A 3 4.26 -19.14 -24.49
C ALA A 3 4.56 -18.20 -25.66
N THR A 4 3.65 -18.12 -26.64
CA THR A 4 3.96 -17.42 -27.89
C THR A 4 2.89 -16.42 -28.32
N GLY A 5 1.85 -16.18 -27.53
CA GLY A 5 0.92 -15.13 -27.84
C GLY A 5 -0.34 -15.63 -28.53
N PRO A 6 -1.11 -14.72 -29.10
CA PRO A 6 -2.40 -15.12 -29.68
C PRO A 6 -2.23 -15.86 -31.01
N GLN A 7 -3.07 -16.84 -31.23
CA GLN A 7 -2.93 -17.75 -32.36
C GLN A 7 -3.69 -17.20 -33.57
N PHE A 8 -3.06 -17.24 -34.74
CA PHE A 8 -3.71 -16.64 -35.90
C PHE A 8 -5.01 -17.37 -36.24
N VAL A 9 -6.07 -16.59 -36.43
CA VAL A 9 -7.32 -17.00 -37.05
C VAL A 9 -7.70 -15.92 -38.06
N SER A 10 -8.00 -16.30 -39.30
CA SER A 10 -8.45 -15.32 -40.28
C SER A 10 -9.91 -14.98 -40.06
N GLY A 11 -10.26 -13.70 -40.29
CA GLY A 11 -11.63 -13.25 -40.11
C GLY A 11 -12.02 -12.77 -38.73
N VAL A 12 -11.06 -12.48 -37.85
CA VAL A 12 -11.42 -12.12 -36.48
C VAL A 12 -11.01 -10.69 -36.13
N ILE A 13 -10.59 -9.88 -37.10
CA ILE A 13 -10.13 -8.51 -36.85
C ILE A 13 -11.07 -7.56 -37.57
N VAL A 14 -11.81 -6.76 -36.80
CA VAL A 14 -12.69 -5.73 -37.33
C VAL A 14 -12.01 -4.37 -37.16
N LYS A 15 -11.88 -3.63 -38.26
CA LYS A 15 -11.42 -2.24 -38.20
C LYS A 15 -12.62 -1.29 -38.15
N ILE A 16 -12.59 -0.35 -37.20
CA ILE A 16 -13.64 0.63 -37.00
C ILE A 16 -13.10 2.00 -37.38
N ILE A 17 -13.84 2.70 -38.24
CA ILE A 17 -13.62 4.06 -38.70
C ILE A 17 -14.77 4.92 -38.16
N SER A 18 -14.48 6.18 -37.85
CA SER A 18 -15.50 7.03 -37.22
C SER A 18 -15.33 8.47 -37.70
N THR A 19 -16.47 9.18 -37.79
CA THR A 19 -16.43 10.58 -38.17
C THR A 19 -15.90 11.43 -37.03
N GLU A 20 -16.48 11.27 -35.85
CA GLU A 20 -16.00 11.91 -34.63
C GLU A 20 -15.01 10.99 -33.92
N PRO A 21 -14.30 11.50 -32.90
CA PRO A 21 -13.40 10.62 -32.15
C PRO A 21 -14.14 9.49 -31.45
N LEU A 22 -13.44 8.36 -31.32
CA LEU A 22 -14.02 7.18 -30.69
C LEU A 22 -14.20 7.40 -29.19
N PRO A 23 -15.13 6.68 -28.57
CA PRO A 23 -15.22 6.69 -27.11
C PRO A 23 -14.10 5.86 -26.50
N GLY A 24 -14.00 5.94 -25.17
CA GLY A 24 -12.99 5.18 -24.46
C GLY A 24 -13.00 3.70 -24.80
N ARG A 25 -11.86 3.03 -24.59
CA ARG A 25 -11.72 1.63 -24.96
C ARG A 25 -12.73 0.75 -24.24
N LYS A 26 -13.11 1.12 -23.01
CA LYS A 26 -14.13 0.37 -22.30
C LYS A 26 -15.46 0.49 -23.01
N GLN A 27 -15.76 1.66 -23.55
CA GLN A 27 -17.03 1.85 -24.24
C GLN A 27 -17.07 1.06 -25.54
N VAL A 28 -15.99 1.11 -26.33
CA VAL A 28 -15.93 0.31 -27.55
C VAL A 28 -16.05 -1.17 -27.22
N ARG A 29 -15.29 -1.64 -26.23
CA ARG A 29 -15.36 -3.04 -25.81
C ARG A 29 -16.77 -3.45 -25.44
N ASP A 30 -17.45 -2.67 -24.59
CA ASP A 30 -18.82 -3.00 -24.21
C ASP A 30 -19.74 -3.01 -25.43
N THR A 31 -19.62 -2.01 -26.30
CA THR A 31 -20.44 -1.99 -27.51
C THR A 31 -20.32 -3.29 -28.28
N ALA A 33 -18.98 -6.31 -27.15
CA ALA A 33 -19.15 -7.49 -26.34
C ALA A 33 -20.61 -7.84 -26.11
N ALA A 34 -21.51 -6.86 -26.20
CA ALA A 34 -22.94 -7.14 -26.11
C ALA A 34 -23.43 -7.86 -27.35
N ILE A 35 -22.62 -7.93 -28.40
CA ILE A 35 -22.94 -8.68 -29.62
C ILE A 35 -22.13 -9.98 -29.70
N SER A 36 -20.80 -9.87 -29.72
CA SER A 36 -19.92 -11.03 -29.88
C SER A 36 -18.94 -11.09 -28.73
N GLU A 37 -18.13 -12.16 -28.75
CA GLU A 37 -17.08 -12.39 -27.76
C GLU A 37 -15.84 -11.66 -28.22
N VAL A 38 -15.58 -10.49 -27.61
CA VAL A 38 -14.40 -9.68 -27.92
C VAL A 38 -13.23 -10.27 -27.18
N LEU A 39 -12.04 -10.22 -27.81
CA LEU A 39 -10.81 -10.55 -27.09
C LEU A 39 -9.98 -9.33 -26.80
N TYR A 40 -9.92 -8.37 -27.73
CA TYR A 40 -8.98 -7.29 -27.52
C TYR A 40 -9.45 -6.09 -28.32
N VAL A 41 -9.29 -4.91 -27.75
CA VAL A 41 -9.67 -3.67 -28.42
C VAL A 41 -8.47 -2.74 -28.47
N ASP A 42 -7.92 -2.55 -29.66
CA ASP A 42 -6.69 -1.83 -29.89
C ASP A 42 -7.06 -0.40 -30.26
N LEU A 43 -6.90 0.51 -29.31
CA LEU A 43 -7.43 1.86 -29.45
C LEU A 43 -6.50 2.85 -28.78
N LEU A 44 -5.93 3.77 -29.58
CA LEU A 44 -5.17 4.89 -29.03
C LEU A 44 -6.14 5.99 -28.62
N GLU A 45 -5.96 6.51 -27.41
CA GLU A 45 -6.87 7.49 -26.85
C GLU A 45 -7.14 8.62 -27.83
N GLY A 46 -8.42 8.81 -28.15
CA GLY A 46 -8.85 9.89 -29.02
C GLY A 46 -8.72 9.66 -30.51
N ASP A 47 -8.16 8.53 -30.94
CA ASP A 47 -8.00 8.26 -32.37
C ASP A 47 -9.36 8.22 -33.06
N THR A 48 -9.31 8.31 -34.39
CA THR A 48 -10.50 8.19 -35.24
C THR A 48 -10.69 6.77 -35.75
N GLU A 49 -9.72 5.90 -35.56
CA GLU A 49 -9.81 4.52 -36.00
C GLU A 49 -9.36 3.61 -34.88
N CYS A 50 -9.84 2.37 -34.92
CA CYS A 50 -9.40 1.39 -33.93
C CYS A 50 -9.66 0.01 -34.49
N HIS A 51 -9.11 -1.01 -33.81
CA HIS A 51 -9.32 -2.37 -34.25
C HIS A 51 -9.85 -3.19 -33.08
N ALA A 52 -10.64 -4.21 -33.38
CA ALA A 52 -11.14 -5.12 -32.35
C ALA A 52 -10.96 -6.56 -32.81
N ARG A 53 -10.42 -7.41 -31.94
CA ARG A 53 -10.14 -8.80 -32.29
C ARG A 53 -11.03 -9.73 -31.48
N PHE A 54 -11.65 -10.66 -32.19
CA PHE A 54 -12.68 -11.56 -31.70
C PHE A 54 -12.15 -12.99 -31.61
N LYS A 55 -12.88 -13.84 -30.91
CA LYS A 55 -12.45 -15.22 -30.72
C LYS A 55 -12.56 -16.03 -32.03
N THR A 56 -13.63 -15.82 -32.80
CA THR A 56 -13.89 -16.62 -34.00
C THR A 56 -14.34 -15.72 -35.16
N PRO A 57 -14.28 -16.25 -36.40
CA PRO A 57 -14.81 -15.45 -37.52
C PRO A 57 -16.28 -15.13 -37.38
N LEU A 58 -17.07 -16.06 -36.85
CA LEU A 58 -18.50 -15.81 -36.72
C LEU A 58 -18.77 -14.65 -35.77
N ASP A 59 -18.02 -14.55 -34.65
CA ASP A 59 -18.19 -13.41 -33.74
C ASP A 59 -18.03 -12.10 -34.51
N ALA A 60 -16.98 -12.02 -35.32
CA ALA A 60 -16.67 -10.81 -36.05
C ALA A 60 -17.77 -10.51 -37.07
N LEU A 61 -18.30 -11.57 -37.69
CA LEU A 61 -19.37 -11.36 -38.67
C LEU A 61 -20.65 -10.89 -37.98
N ALA A 62 -20.97 -11.45 -36.82
CA ALA A 62 -22.10 -10.94 -36.06
C ALA A 62 -21.92 -9.46 -35.73
N VAL A 63 -20.70 -9.03 -35.50
CA VAL A 63 -20.54 -7.61 -35.24
C VAL A 63 -20.74 -6.83 -36.52
N ILE A 64 -20.19 -7.28 -37.65
CA ILE A 64 -20.44 -6.48 -38.85
C ILE A 64 -21.89 -6.58 -39.31
N ASN A 65 -22.65 -7.60 -38.93
CA ASN A 65 -24.02 -7.70 -39.35
C ASN A 65 -24.99 -6.94 -38.44
N ALA A 66 -24.49 -6.38 -37.33
CA ALA A 66 -25.35 -5.67 -36.38
C ALA A 66 -25.55 -4.22 -36.81
N TYR A 67 -26.16 -4.05 -37.98
CA TYR A 67 -26.48 -2.71 -38.46
C TYR A 67 -27.32 -1.94 -37.44
N THR A 68 -28.38 -2.58 -36.94
CA THR A 68 -29.21 -1.95 -35.91
C THR A 68 -28.35 -1.47 -34.76
N GLU A 69 -27.66 -2.40 -34.10
CA GLU A 69 -27.08 -2.15 -32.79
C GLU A 69 -25.83 -1.27 -32.82
N ILE A 70 -25.18 -1.09 -33.98
CA ILE A 70 -23.97 -0.26 -34.04
C ILE A 70 -24.02 0.82 -35.13
N ASN A 71 -24.12 0.39 -36.39
CA ASN A 71 -23.97 1.30 -37.52
C ASN A 71 -24.87 2.53 -37.38
N LYS A 72 -26.10 2.35 -36.89
CA LYS A 72 -27.03 3.46 -36.76
C LYS A 72 -26.88 4.22 -35.44
N LYS A 73 -26.51 3.54 -34.35
CA LYS A 73 -26.32 4.19 -33.06
C LYS A 73 -25.02 4.99 -33.00
N HIS A 74 -23.92 4.42 -33.51
CA HIS A 74 -22.64 5.10 -33.68
C HIS A 74 -22.33 5.16 -35.17
N CYS A 75 -22.04 6.34 -35.68
CA CYS A 75 -21.81 6.47 -37.12
C CYS A 75 -20.39 5.99 -37.44
N TRP A 76 -20.25 4.68 -37.38
CA TRP A 76 -19.02 3.94 -37.64
C TRP A 76 -19.14 3.16 -38.93
N LYS A 77 -18.05 3.16 -39.69
CA LYS A 77 -17.85 2.20 -40.77
C LYS A 77 -17.03 1.04 -40.22
N GLU A 79 -15.16 -2.97 -41.01
CA GLU A 79 -14.83 -3.99 -41.99
C GLU A 79 -14.03 -5.11 -41.34
N ILE A 80 -14.18 -6.32 -41.88
CA ILE A 80 -13.36 -7.45 -41.44
C ILE A 80 -12.11 -7.49 -42.31
N LEU A 81 -10.95 -7.34 -41.68
CA LEU A 81 -9.70 -7.37 -42.44
C LEU A 81 -9.54 -8.73 -43.12
N SER A 82 -8.82 -8.70 -44.23
CA SER A 82 -8.45 -9.92 -44.93
C SER A 82 -7.20 -9.60 -45.75
N GLY A 83 -6.56 -10.66 -46.24
CA GLY A 83 -5.41 -10.50 -47.11
C GLY A 83 -4.28 -9.76 -46.43
N ASP A 84 -3.67 -8.81 -47.16
CA ASP A 84 -2.45 -8.18 -46.69
C ASP A 84 -2.70 -7.24 -45.51
N HIS A 85 -3.85 -6.53 -45.46
CA HIS A 85 -4.15 -5.73 -44.29
C HIS A 85 -4.28 -6.58 -43.04
N GLU A 86 -4.98 -7.71 -43.14
CA GLU A 86 -5.08 -8.61 -42.01
C GLU A 86 -3.71 -9.08 -41.59
N GLN A 87 -2.90 -9.44 -42.58
CA GLN A 87 -1.53 -9.88 -42.30
C GLN A 87 -0.74 -8.82 -41.54
N ARG A 88 -0.82 -7.56 -41.98
CA ARG A 88 -0.07 -6.54 -41.30
C ARG A 88 -0.62 -6.31 -39.90
N TYR A 89 -1.94 -6.37 -39.72
CA TYR A 89 -2.45 -6.23 -38.37
C TYR A 89 -1.91 -7.32 -37.46
N TRP A 90 -1.72 -8.54 -37.98
CA TRP A 90 -1.10 -9.53 -37.10
C TRP A 90 0.39 -9.26 -36.86
N GLN A 91 1.11 -8.69 -37.83
CA GLN A 91 2.48 -8.26 -37.51
C GLN A 91 2.45 -7.21 -36.40
N LYS A 92 1.46 -6.32 -36.46
CA LYS A 92 1.30 -5.30 -35.43
C LYS A 92 1.07 -5.95 -34.07
N ILE A 93 0.27 -7.01 -34.02
CA ILE A 93 0.08 -7.74 -32.77
C ILE A 93 1.42 -8.22 -32.23
N LEU A 94 2.21 -8.85 -33.10
CA LEU A 94 3.49 -9.42 -32.67
C LEU A 94 4.39 -8.34 -32.11
N VAL A 95 4.43 -7.19 -32.79
CA VAL A 95 5.29 -6.09 -32.36
C VAL A 95 4.81 -5.53 -31.03
N ASP A 96 3.50 -5.31 -30.88
CA ASP A 96 2.95 -4.79 -29.62
C ASP A 96 3.28 -5.73 -28.47
N ARG A 97 3.07 -7.02 -28.68
CA ARG A 97 3.37 -8.00 -27.64
C ARG A 97 4.85 -7.97 -27.28
N GLN A 98 5.72 -8.06 -28.28
CA GLN A 98 7.15 -8.07 -27.99
C GLN A 98 7.56 -6.82 -27.24
N ALA A 99 6.92 -5.69 -27.56
CA ALA A 99 7.28 -4.42 -26.92
C ALA A 99 6.86 -4.42 -25.46
N LYS A 100 5.64 -4.89 -25.17
CA LYS A 100 5.20 -4.93 -23.78
C LYS A 100 6.02 -5.93 -22.97
N LEU A 101 6.45 -7.02 -23.60
CA LEU A 101 7.35 -7.94 -22.92
C LEU A 101 8.71 -7.29 -22.65
N ASN A 102 9.08 -6.29 -23.45
CA ASN A 102 10.30 -5.54 -23.20
C ASN A 102 10.00 -4.16 -22.66
N ALA B 3 -9.08 5.11 31.35
CA ALA B 3 -10.17 5.88 30.74
C ALA B 3 -9.70 7.30 30.50
N THR B 4 -9.04 7.87 31.51
CA THR B 4 -8.46 9.21 31.40
C THR B 4 -6.94 9.19 31.33
N GLY B 5 -6.32 8.02 31.18
CA GLY B 5 -4.88 7.93 31.07
C GLY B 5 -4.25 7.27 32.27
N PRO B 6 -2.93 7.09 32.26
CA PRO B 6 -2.25 6.54 33.44
C PRO B 6 -2.56 7.39 34.66
N GLN B 7 -2.79 6.72 35.78
CA GLN B 7 -3.21 7.39 37.00
C GLN B 7 -2.00 7.62 37.90
N PHE B 8 -1.93 8.79 38.51
CA PHE B 8 -0.72 9.17 39.23
C PHE B 8 -0.49 8.28 40.44
N VAL B 9 0.75 7.82 40.61
CA VAL B 9 1.30 7.44 41.91
C VAL B 9 2.74 7.98 41.93
N SER B 10 3.20 8.39 43.12
CA SER B 10 4.55 8.98 43.19
C SER B 10 5.59 7.90 43.45
N GLY B 11 6.71 8.03 42.77
CA GLY B 11 7.81 7.10 42.92
C GLY B 11 7.90 6.01 41.89
N VAL B 12 7.19 6.13 40.76
CA VAL B 12 7.17 5.03 39.80
C VAL B 12 7.98 5.34 38.55
N ILE B 13 8.67 6.48 38.49
CA ILE B 13 9.37 6.89 37.29
C ILE B 13 10.86 6.72 37.49
N VAL B 14 11.44 5.79 36.74
CA VAL B 14 12.86 5.54 36.72
C VAL B 14 13.47 6.27 35.53
N LYS B 15 14.53 7.03 35.78
CA LYS B 15 15.27 7.68 34.72
C LYS B 15 16.62 6.98 34.60
N ILE B 16 16.94 6.53 33.38
CA ILE B 16 18.14 5.76 33.07
C ILE B 16 19.04 6.62 32.21
N ILE B 17 20.33 6.68 32.57
CA ILE B 17 21.38 7.29 31.76
C ILE B 17 22.42 6.22 31.47
N SER B 18 22.77 6.07 30.20
CA SER B 18 23.63 4.97 29.78
C SER B 18 24.94 5.50 29.19
N THR B 19 25.92 4.61 29.17
CA THR B 19 27.24 4.91 28.64
C THR B 19 27.29 4.73 27.13
N GLU B 20 26.64 3.68 26.68
CA GLU B 20 26.50 3.43 25.24
C GLU B 20 25.11 3.84 24.82
N PRO B 21 24.80 3.91 23.53
CA PRO B 21 23.45 4.22 23.08
C PRO B 21 22.52 3.13 23.59
N LEU B 22 21.30 3.52 23.97
CA LEU B 22 20.28 2.61 24.54
C LEU B 22 19.80 1.55 23.54
N PRO B 23 19.51 0.30 24.02
CA PRO B 23 19.01 -0.82 23.18
C PRO B 23 17.50 -0.77 22.90
N GLY B 24 17.03 -1.64 21.99
CA GLY B 24 15.61 -1.68 21.60
C GLY B 24 14.66 -1.63 22.79
N ARG B 25 13.57 -0.87 22.63
CA ARG B 25 12.55 -0.66 23.68
C ARG B 25 12.30 -2.00 24.37
N LYS B 26 12.23 -3.12 23.64
CA LYS B 26 11.97 -4.44 24.26
C LYS B 26 13.18 -4.85 25.10
N GLN B 27 14.40 -4.59 24.61
CA GLN B 27 15.63 -4.95 25.37
C GLN B 27 15.66 -4.19 26.71
N VAL B 28 15.35 -2.89 26.68
CA VAL B 28 15.29 -2.10 27.91
C VAL B 28 14.17 -2.61 28.80
N ARG B 29 12.96 -2.76 28.25
CA ARG B 29 11.84 -3.22 29.07
C ARG B 29 12.15 -4.58 29.68
N ASP B 30 12.68 -5.51 28.88
CA ASP B 30 12.94 -6.86 29.38
C ASP B 30 14.02 -6.88 30.45
N THR B 31 14.92 -5.88 30.43
CA THR B 31 15.93 -5.77 31.50
C THR B 31 15.26 -5.64 32.86
N ALA B 33 11.74 -5.65 33.60
CA ALA B 33 10.73 -6.70 33.71
C ALA B 33 11.29 -7.97 34.35
N ALA B 34 12.61 -8.17 34.31
CA ALA B 34 13.23 -9.26 35.08
C ALA B 34 13.13 -9.03 36.58
N ILE B 35 12.65 -7.88 37.05
CA ILE B 35 12.58 -7.62 38.48
C ILE B 35 11.19 -7.16 38.88
N SER B 36 10.62 -6.25 38.09
CA SER B 36 9.33 -5.66 38.41
C SER B 36 8.50 -5.49 37.14
N GLU B 37 7.20 -5.31 37.32
CA GLU B 37 6.32 -5.08 36.18
C GLU B 37 6.57 -3.68 35.66
N VAL B 38 6.91 -3.58 34.38
CA VAL B 38 7.17 -2.31 33.72
C VAL B 38 5.90 -1.93 33.00
N LEU B 39 5.31 -0.80 33.36
CA LEU B 39 4.15 -0.41 32.58
C LEU B 39 4.54 0.25 31.25
N TYR B 40 5.59 1.06 31.21
CA TYR B 40 5.88 1.76 29.96
C TYR B 40 7.35 2.10 29.85
N VAL B 41 7.88 2.04 28.62
CA VAL B 41 9.28 2.45 28.36
C VAL B 41 9.27 3.61 27.39
N ASP B 42 9.88 4.74 27.80
CA ASP B 42 9.83 5.99 27.06
C ASP B 42 11.25 6.26 26.60
N LEU B 43 11.51 5.94 25.32
CA LEU B 43 12.87 5.80 24.82
C LEU B 43 12.89 6.16 23.34
N LEU B 44 13.69 7.17 22.99
CA LEU B 44 14.10 7.40 21.61
C LEU B 44 15.21 6.42 21.28
N GLU B 45 15.02 5.61 20.23
CA GLU B 45 15.99 4.56 19.94
C GLU B 45 17.34 5.18 19.59
N GLY B 46 18.40 4.62 20.17
CA GLY B 46 19.73 5.16 20.02
C GLY B 46 20.08 6.28 20.97
N ASP B 47 19.12 6.76 21.78
CA ASP B 47 19.38 7.72 22.83
C ASP B 47 20.23 7.07 23.93
N THR B 48 20.76 7.89 24.82
CA THR B 48 21.47 7.38 25.99
C THR B 48 20.79 7.79 27.27
N GLU B 49 19.52 8.17 27.17
CA GLU B 49 18.72 8.43 28.35
C GLU B 49 17.31 7.94 28.03
N CYS B 50 16.63 7.36 29.01
CA CYS B 50 15.21 7.03 28.84
C CYS B 50 14.54 6.90 30.19
N HIS B 51 13.21 6.86 30.17
CA HIS B 51 12.45 6.68 31.40
C HIS B 51 11.61 5.42 31.33
N ALA B 52 11.29 4.89 32.49
CA ALA B 52 10.51 3.66 32.58
C ALA B 52 9.54 3.86 33.71
N ARG B 53 8.27 3.58 33.48
CA ARG B 53 7.23 3.78 34.49
C ARG B 53 6.76 2.43 35.00
N PHE B 54 6.60 2.38 36.32
CA PHE B 54 6.32 1.17 37.07
C PHE B 54 4.99 1.25 37.77
N LYS B 55 4.50 0.10 38.21
CA LYS B 55 3.17 0.04 38.80
C LYS B 55 3.13 0.70 40.18
N THR B 56 4.16 0.53 41.00
CA THR B 56 4.12 0.92 42.42
C THR B 56 5.50 1.38 42.85
N PRO B 57 5.58 2.24 43.86
CA PRO B 57 6.90 2.71 44.33
C PRO B 57 7.86 1.61 44.70
N LEU B 58 7.38 0.50 45.26
CA LEU B 58 8.30 -0.58 45.65
C LEU B 58 8.89 -1.28 44.43
N ASP B 59 8.10 -1.40 43.35
CA ASP B 59 8.63 -1.96 42.11
C ASP B 59 9.77 -1.11 41.55
N ALA B 60 9.60 0.21 41.54
CA ALA B 60 10.66 1.05 41.00
C ALA B 60 11.88 0.99 41.89
N LEU B 61 11.67 0.96 43.21
CA LEU B 61 12.80 0.81 44.12
C LEU B 61 13.56 -0.48 43.86
N ALA B 62 12.84 -1.59 43.65
CA ALA B 62 13.52 -2.87 43.46
C ALA B 62 14.33 -2.87 42.19
N VAL B 63 13.84 -2.19 41.16
CA VAL B 63 14.66 -2.04 39.97
C VAL B 63 15.89 -1.19 40.27
N ILE B 64 15.72 -0.13 41.07
CA ILE B 64 16.84 0.74 41.38
C ILE B 64 17.93 -0.02 42.13
N ASN B 65 17.55 -1.04 42.90
CA ASN B 65 18.45 -1.70 43.83
C ASN B 65 19.18 -2.90 43.24
N ALA B 66 19.08 -3.13 41.93
CA ALA B 66 19.75 -4.27 41.31
C ALA B 66 20.98 -3.80 40.55
N TYR B 67 22.02 -3.44 41.32
CA TYR B 67 23.19 -2.78 40.75
C TYR B 67 23.99 -3.74 39.88
N THR B 68 24.32 -4.93 40.39
CA THR B 68 25.01 -5.92 39.56
C THR B 68 24.17 -6.33 38.37
N GLU B 69 22.93 -6.75 38.61
CA GLU B 69 22.12 -7.32 37.55
C GLU B 69 21.93 -6.34 36.40
N ILE B 70 21.79 -5.05 36.70
CA ILE B 70 21.46 -4.05 35.71
C ILE B 70 22.65 -3.11 35.47
N ASN B 71 23.04 -2.35 36.49
CA ASN B 71 23.98 -1.25 36.32
C ASN B 71 25.30 -1.71 35.72
N LYS B 72 25.88 -2.79 36.24
CA LYS B 72 27.22 -3.18 35.82
C LYS B 72 27.21 -4.01 34.55
N LYS B 73 26.08 -4.65 34.23
CA LYS B 73 25.95 -5.34 32.95
C LYS B 73 25.79 -4.32 31.83
N HIS B 74 24.93 -3.33 32.04
CA HIS B 74 24.57 -2.41 30.99
C HIS B 74 25.25 -1.06 31.10
N CYS B 75 26.17 -0.89 32.06
CA CYS B 75 26.78 0.41 32.36
C CYS B 75 25.73 1.52 32.40
N TRP B 76 24.78 1.42 33.34
CA TRP B 76 23.70 2.37 33.48
C TRP B 76 23.73 3.06 34.83
N LYS B 77 23.28 4.32 34.87
CA LYS B 77 22.92 4.99 36.10
C LYS B 77 21.40 5.15 36.12
N GLU B 79 17.90 6.50 38.59
CA GLU B 79 17.37 7.27 39.70
C GLU B 79 15.85 7.29 39.60
N ILE B 80 15.21 7.55 40.73
CA ILE B 80 13.77 7.73 40.75
C ILE B 80 13.49 9.22 40.79
N LEU B 81 12.64 9.69 39.89
CA LEU B 81 12.24 11.09 39.85
C LEU B 81 11.41 11.42 41.07
N SER B 82 11.52 12.67 41.49
CA SER B 82 10.69 13.17 42.57
C SER B 82 10.50 14.66 42.36
N GLY B 83 9.65 15.26 43.18
CA GLY B 83 9.52 16.71 43.16
C GLY B 83 9.00 17.23 41.85
N ASP B 84 9.60 18.35 41.40
CA ASP B 84 9.19 18.99 40.18
C ASP B 84 9.63 18.20 38.94
N HIS B 85 10.71 17.42 39.05
CA HIS B 85 11.11 16.55 37.94
C HIS B 85 10.07 15.47 37.70
N GLU B 86 9.60 14.84 38.79
CA GLU B 86 8.46 13.93 38.70
C GLU B 86 7.26 14.63 38.09
N GLN B 87 6.85 15.75 38.68
CA GLN B 87 5.63 16.39 38.21
C GLN B 87 5.71 16.70 36.72
N ARG B 88 6.89 17.15 36.26
CA ARG B 88 7.06 17.46 34.85
C ARG B 88 7.05 16.20 33.98
N TYR B 89 7.52 15.06 34.51
CA TYR B 89 7.39 13.86 33.70
C TYR B 89 5.93 13.47 33.56
N TRP B 90 5.14 13.65 34.61
CA TRP B 90 3.74 13.28 34.46
C TRP B 90 3.02 14.29 33.56
N GLN B 91 3.53 15.52 33.49
CA GLN B 91 3.02 16.46 32.50
C GLN B 91 3.35 15.99 31.08
N LYS B 92 4.55 15.45 30.89
CA LYS B 92 4.89 14.88 29.59
C LYS B 92 4.01 13.68 29.23
N ILE B 93 3.75 12.80 30.20
CA ILE B 93 2.77 11.72 29.97
C ILE B 93 1.48 12.30 29.44
N LEU B 94 0.92 13.29 30.14
CA LEU B 94 -0.33 13.92 29.69
C LEU B 94 -0.23 14.39 28.24
N VAL B 95 0.82 15.15 27.91
CA VAL B 95 0.93 15.71 26.57
C VAL B 95 1.05 14.62 25.51
N ASP B 96 1.91 13.63 25.75
CA ASP B 96 2.09 12.54 24.79
C ASP B 96 0.78 11.82 24.52
N ARG B 97 0.03 11.52 25.58
CA ARG B 97 -1.26 10.88 25.39
C ARG B 97 -2.20 11.76 24.58
N GLN B 98 -2.28 13.04 24.94
CA GLN B 98 -3.19 13.94 24.22
C GLN B 98 -2.88 13.91 22.73
N ALA B 99 -1.59 13.99 22.40
CA ALA B 99 -1.17 14.03 21.02
C ALA B 99 -1.57 12.77 20.28
N LYS B 100 -1.32 11.61 20.89
CA LYS B 100 -1.68 10.33 20.23
C LYS B 100 -3.20 10.24 20.06
N LEU B 101 -3.95 10.80 21.01
CA LEU B 101 -5.41 10.66 20.97
C LEU B 101 -6.06 11.63 20.00
N ASN B 102 -5.32 12.68 19.60
CA ASN B 102 -5.85 13.71 18.66
C ASN B 102 -5.24 13.55 17.25
N GLN B 103 -4.50 12.47 17.01
CA GLN B 103 -3.82 12.28 15.70
C GLN B 103 -4.83 12.17 14.54
N PRO B 104 -4.61 12.90 13.42
CA PRO B 104 -5.48 12.84 12.24
C PRO B 104 -5.13 11.69 11.29
N ARG B 105 -6.02 11.33 10.36
CA ARG B 105 -5.75 10.25 9.42
#